data_8QYA
#
_entry.id   8QYA
#
_cell.length_a   137.266
_cell.length_b   55.371
_cell.length_c   69.486
_cell.angle_alpha   90.000
_cell.angle_beta   108.009
_cell.angle_gamma   90.000
#
_symmetry.space_group_name_H-M   'C 1 2 1'
#
loop_
_entity.id
_entity.type
_entity.pdbx_description
1 polymer 'J22.9-FNY Fab antibody light chain'
2 polymer 'J22.9-FNY Fab antibody heavy chain'
3 polymer 'Tumor necrosis factor receptor superfamily member 17'
4 branched 2-acetamido-2-deoxy-beta-D-glucopyranose-(1-4)-2-acetamido-2-deoxy-beta-D-glucopyranose
5 non-polymer 'COPPER (II) ION'
6 water water
#
loop_
_entity_poly.entity_id
_entity_poly.type
_entity_poly.pdbx_seq_one_letter_code
_entity_poly.pdbx_strand_id
1 'polypeptide(L)'
;EIVMTQSPATLSVSPGERATLSCKASQSVESNVAWYQQKPGQSPRALIYSASLRFSGIPARFSGSGSGTEFTLTISSLQS
EDFAVYYCQQYNNYPLTFGAGTKLELKRTVAAPSVFIFPPSDEQLKSGTASVVCLLNNFYPREAKVQWKVDNALQSGNSQ
ESVTEQDSKDSTYSLSSTLTLSKADYEKHKVYACEVTHQGLSSPVTKSFNRGEA
;
L
2 'polypeptide(L)'
;EVQLVESGGGLVQPGGSLRLSCAASGFTFSRYWMSWVRQAPGKGLVWVGEINPNSSTINYAPSLKDKFTISRDNAKNTLY
LQMNSLRAEDTAVYYCASLYYDYGDAYDYWGQGTLVTVSSASTKGPSVFPLAPSSGTAALGCLVKDYFPEPVTVSWNSGA
LTSGVHTFPAVLQSSGLYSLSSVVTVPSSSLGTQTYICNVNHKPSNTKVDKRVEPA
;
H
3 'polypeptide(L)' GQCSQNEYFDSLLHACIPCQLRCSSNTPPLTCQRYC A
#
# COMPACT_ATOMS: atom_id res chain seq x y z
N GLU A 1 -0.88 17.07 -19.52
CA GLU A 1 -1.23 15.66 -19.18
C GLU A 1 -2.73 15.46 -19.09
N ILE A 2 -3.16 14.20 -19.10
CA ILE A 2 -4.56 13.83 -18.96
C ILE A 2 -4.80 13.41 -17.52
N VAL A 3 -5.99 13.73 -17.01
CA VAL A 3 -6.37 13.45 -15.63
C VAL A 3 -7.45 12.38 -15.65
N MET A 4 -7.22 11.30 -14.90
CA MET A 4 -8.23 10.27 -14.69
C MET A 4 -8.79 10.46 -13.29
N THR A 5 -10.11 10.69 -13.21
CA THR A 5 -10.78 10.99 -11.95
C THR A 5 -11.66 9.80 -11.59
N GLN A 6 -11.30 9.11 -10.52
CA GLN A 6 -12.03 7.94 -10.06
C GLN A 6 -12.98 8.32 -8.93
N SER A 7 -14.16 7.71 -8.93
CA SER A 7 -15.13 7.96 -7.89
C SER A 7 -15.96 6.70 -7.68
N PRO A 8 -16.33 6.38 -6.44
CA PRO A 8 -15.92 7.03 -5.19
C PRO A 8 -14.52 6.58 -4.79
N ALA A 9 -13.82 7.34 -3.93
CA ALA A 9 -12.52 6.89 -3.45
C ALA A 9 -12.65 5.67 -2.55
N THR A 10 -13.82 5.46 -1.95
CA THR A 10 -14.07 4.30 -1.10
C THR A 10 -15.47 3.79 -1.38
N LEU A 11 -15.70 2.52 -1.05
CA LEU A 11 -16.98 1.89 -1.34
C LEU A 11 -17.16 0.71 -0.38
N SER A 12 -18.22 0.74 0.42
CA SER A 12 -18.49 -0.30 1.40
C SER A 12 -19.59 -1.20 0.84
N VAL A 13 -19.19 -2.40 0.41
CA VAL A 13 -20.10 -3.37 -0.19
C VAL A 13 -19.83 -4.73 0.43
N SER A 14 -20.91 -5.46 0.75
CA SER A 14 -20.75 -6.76 1.40
C SER A 14 -20.59 -7.86 0.36
N PRO A 15 -19.91 -8.96 0.69
CA PRO A 15 -19.71 -10.03 -0.29
C PRO A 15 -21.03 -10.55 -0.85
N GLY A 16 -21.05 -10.76 -2.16
CA GLY A 16 -22.24 -11.19 -2.85
C GLY A 16 -22.99 -10.08 -3.56
N GLU A 17 -22.69 -8.82 -3.21
CA GLU A 17 -23.33 -7.67 -3.83
C GLU A 17 -22.50 -7.18 -5.02
N ARG A 18 -22.99 -6.14 -5.67
CA ARG A 18 -22.35 -5.58 -6.85
C ARG A 18 -21.65 -4.26 -6.52
N ALA A 19 -20.56 -4.00 -7.23
CA ALA A 19 -19.83 -2.74 -7.11
C ALA A 19 -19.64 -2.15 -8.49
N THR A 20 -19.90 -0.85 -8.62
CA THR A 20 -19.75 -0.14 -9.87
C THR A 20 -18.81 1.04 -9.66
N LEU A 21 -17.66 1.01 -10.32
CA LEU A 21 -16.64 2.04 -10.19
C LEU A 21 -16.74 3.03 -11.35
N SER A 22 -16.39 4.27 -11.08
CA SER A 22 -16.45 5.34 -12.07
C SER A 22 -15.05 5.89 -12.32
N CYS A 23 -14.76 6.17 -13.58
CA CYS A 23 -13.48 6.73 -13.99
C CYS A 23 -13.75 7.72 -15.12
N LYS A 24 -13.49 9.00 -14.85
CA LYS A 24 -13.78 10.07 -15.80
C LYS A 24 -12.48 10.76 -16.17
N ALA A 25 -12.27 10.96 -17.48
CA ALA A 25 -11.05 11.56 -18.00
C ALA A 25 -11.29 13.02 -18.37
N SER A 26 -10.22 13.81 -18.33
CA SER A 26 -10.30 15.21 -18.73
C SER A 26 -10.26 15.38 -20.25
N GLN A 27 -9.77 14.39 -20.98
CA GLN A 27 -9.76 14.39 -22.43
C GLN A 27 -10.32 13.08 -22.94
N SER A 28 -10.78 13.08 -24.19
CA SER A 28 -11.27 11.86 -24.80
C SER A 28 -10.11 10.90 -25.05
N VAL A 29 -10.26 9.65 -24.61
CA VAL A 29 -9.21 8.66 -24.73
C VAL A 29 -9.72 7.46 -25.54
N GLU A 30 -10.70 7.71 -26.41
CA GLU A 30 -11.28 6.67 -27.27
C GLU A 30 -11.65 5.49 -26.39
N SER A 31 -11.18 4.27 -26.70
CA SER A 31 -11.42 3.10 -25.87
C SER A 31 -10.15 2.56 -25.25
N ASN A 32 -9.11 3.39 -25.13
CA ASN A 32 -7.80 2.94 -24.65
C ASN A 32 -7.70 3.20 -23.14
N VAL A 33 -8.41 2.36 -22.40
CA VAL A 33 -8.45 2.43 -20.94
C VAL A 33 -8.28 1.02 -20.37
N ALA A 34 -7.45 0.90 -19.35
CA ALA A 34 -7.24 -0.35 -18.64
C ALA A 34 -7.62 -0.18 -17.18
N TRP A 35 -7.81 -1.31 -16.50
CA TRP A 35 -8.10 -1.35 -15.07
C TRP A 35 -7.12 -2.27 -14.39
N TYR A 36 -6.78 -1.93 -13.14
CA TYR A 36 -5.80 -2.68 -12.36
C TYR A 36 -6.32 -2.92 -10.96
N GLN A 37 -5.90 -4.04 -10.38
CA GLN A 37 -6.17 -4.38 -9.00
C GLN A 37 -4.86 -4.43 -8.24
N GLN A 38 -4.85 -3.86 -7.03
CA GLN A 38 -3.64 -3.87 -6.21
C GLN A 38 -4.03 -4.09 -4.76
N LYS A 39 -3.41 -5.09 -4.14
CA LYS A 39 -3.59 -5.40 -2.73
C LYS A 39 -2.38 -4.97 -1.92
N PRO A 40 -2.53 -4.74 -0.62
CA PRO A 40 -1.41 -4.26 0.19
C PRO A 40 -0.18 -5.13 0.03
N GLY A 41 0.94 -4.50 -0.28
CA GLY A 41 2.22 -5.17 -0.46
C GLY A 41 2.41 -5.72 -1.86
N GLN A 42 1.36 -6.27 -2.45
CA GLN A 42 1.47 -6.84 -3.79
C GLN A 42 1.55 -5.73 -4.83
N SER A 43 2.06 -6.08 -6.00
CA SER A 43 2.12 -5.16 -7.11
C SER A 43 0.78 -5.16 -7.85
N PRO A 44 0.57 -4.21 -8.77
CA PRO A 44 -0.71 -4.16 -9.49
C PRO A 44 -0.98 -5.44 -10.26
N ARG A 45 -2.26 -5.62 -10.60
CA ARG A 45 -2.73 -6.78 -11.35
C ARG A 45 -3.63 -6.28 -12.46
N ALA A 46 -3.23 -6.54 -13.71
CA ALA A 46 -4.00 -6.08 -14.85
C ALA A 46 -5.33 -6.81 -14.93
N LEU A 47 -6.42 -6.05 -15.09
CA LEU A 47 -7.77 -6.60 -15.20
C LEU A 47 -8.32 -6.45 -16.61
N ILE A 48 -8.37 -5.23 -17.13
CA ILE A 48 -9.04 -4.92 -18.38
C ILE A 48 -8.09 -4.14 -19.28
N TYR A 49 -8.24 -4.36 -20.60
CA TYR A 49 -7.56 -3.55 -21.59
C TYR A 49 -8.54 -3.23 -22.71
N SER A 50 -8.33 -2.10 -23.37
CA SER A 50 -9.23 -1.61 -24.41
C SER A 50 -10.65 -1.46 -23.88
N ALA A 51 -10.76 -0.99 -22.63
CA ALA A 51 -12.03 -0.58 -22.03
C ALA A 51 -12.82 -1.75 -21.47
N SER A 52 -12.89 -2.88 -22.19
CA SER A 52 -13.78 -3.97 -21.81
C SER A 52 -13.18 -5.36 -21.94
N LEU A 53 -11.98 -5.52 -22.49
CA LEU A 53 -11.40 -6.84 -22.71
C LEU A 53 -10.53 -7.22 -21.52
N ARG A 54 -10.74 -8.43 -21.01
CA ARG A 54 -10.07 -8.89 -19.80
C ARG A 54 -8.75 -9.58 -20.14
N PHE A 55 -7.81 -9.51 -19.20
CA PHE A 55 -6.56 -10.25 -19.32
C PHE A 55 -6.79 -11.74 -19.07
N SER A 56 -5.73 -12.51 -19.26
CA SER A 56 -5.81 -13.95 -19.05
C SER A 56 -6.01 -14.26 -17.57
N GLY A 57 -6.97 -15.13 -17.27
CA GLY A 57 -7.23 -15.55 -15.91
C GLY A 57 -8.16 -14.64 -15.12
N ILE A 58 -8.68 -13.58 -15.73
CA ILE A 58 -9.56 -12.65 -15.05
C ILE A 58 -10.98 -13.19 -15.15
N PRO A 59 -11.65 -13.49 -14.03
CA PRO A 59 -13.00 -14.06 -14.10
C PRO A 59 -13.99 -13.10 -14.76
N ALA A 60 -15.09 -13.67 -15.25
CA ALA A 60 -16.16 -12.86 -15.82
C ALA A 60 -16.80 -11.94 -14.79
N ARG A 61 -16.59 -12.22 -13.50
CA ARG A 61 -16.95 -11.29 -12.43
C ARG A 61 -16.69 -9.85 -12.85
N PHE A 62 -15.48 -9.57 -13.32
CA PHE A 62 -15.07 -8.21 -13.67
C PHE A 62 -15.51 -7.90 -15.09
N SER A 63 -16.18 -6.76 -15.27
CA SER A 63 -16.69 -6.33 -16.57
C SER A 63 -16.41 -4.85 -16.73
N GLY A 64 -15.66 -4.50 -17.77
CA GLY A 64 -15.34 -3.12 -18.08
C GLY A 64 -16.21 -2.58 -19.18
N SER A 65 -16.52 -1.29 -19.09
CA SER A 65 -17.37 -0.63 -20.07
C SER A 65 -16.93 0.83 -20.22
N GLY A 66 -17.50 1.51 -21.20
CA GLY A 66 -17.25 2.91 -21.43
C GLY A 66 -16.56 3.15 -22.76
N SER A 67 -16.44 4.44 -23.10
CA SER A 67 -15.81 4.86 -24.32
C SER A 67 -15.77 6.38 -24.34
N GLY A 68 -14.70 6.93 -24.87
CA GLY A 68 -14.58 8.36 -24.99
C GLY A 68 -13.97 9.04 -23.79
N THR A 69 -14.80 9.37 -22.80
CA THR A 69 -14.33 10.11 -21.64
C THR A 69 -14.94 9.64 -20.31
N GLU A 70 -15.93 8.76 -20.32
CA GLU A 70 -16.50 8.19 -19.10
C GLU A 70 -16.39 6.67 -19.16
N PHE A 71 -15.77 6.09 -18.13
CA PHE A 71 -15.49 4.65 -18.10
C PHE A 71 -15.95 4.05 -16.78
N THR A 72 -16.23 2.76 -16.81
CA THR A 72 -16.84 2.05 -15.69
C THR A 72 -16.27 0.66 -15.56
N LEU A 73 -16.12 0.21 -14.31
CA LEU A 73 -15.78 -1.17 -13.99
C LEU A 73 -16.85 -1.71 -13.04
N THR A 74 -17.47 -2.82 -13.43
CA THR A 74 -18.56 -3.42 -12.66
C THR A 74 -18.16 -4.83 -12.24
N ILE A 75 -18.32 -5.12 -10.95
CA ILE A 75 -18.02 -6.43 -10.38
C ILE A 75 -19.35 -7.09 -10.03
N SER A 76 -19.64 -8.22 -10.67
CA SER A 76 -20.99 -8.76 -10.67
C SER A 76 -21.39 -9.29 -9.30
N SER A 77 -20.53 -10.10 -8.68
CA SER A 77 -20.86 -10.71 -7.39
C SER A 77 -19.57 -10.82 -6.58
N LEU A 78 -19.37 -9.87 -5.67
CA LEU A 78 -18.09 -9.75 -4.98
C LEU A 78 -17.79 -11.00 -4.17
N GLN A 79 -16.51 -11.38 -4.17
CA GLN A 79 -15.97 -12.40 -3.29
C GLN A 79 -14.92 -11.74 -2.39
N SER A 80 -14.62 -12.41 -1.27
CA SER A 80 -13.58 -11.91 -0.37
C SER A 80 -12.29 -11.60 -1.13
N GLU A 81 -11.99 -12.39 -2.15
CA GLU A 81 -10.77 -12.23 -2.93
C GLU A 81 -10.70 -10.92 -3.69
N ASP A 82 -11.80 -10.16 -3.77
CA ASP A 82 -11.89 -9.02 -4.68
C ASP A 82 -11.73 -7.67 -3.98
N PHE A 83 -11.69 -7.63 -2.65
CA PHE A 83 -11.59 -6.35 -1.94
C PHE A 83 -10.16 -5.86 -1.97
N ALA A 84 -9.94 -4.71 -2.59
CA ALA A 84 -8.60 -4.15 -2.77
C ALA A 84 -8.76 -2.75 -3.38
N VAL A 85 -7.65 -2.18 -3.82
CA VAL A 85 -7.65 -0.87 -4.46
C VAL A 85 -7.70 -1.09 -5.97
N TYR A 86 -8.59 -0.37 -6.65
CA TYR A 86 -8.79 -0.50 -8.08
C TYR A 86 -8.42 0.81 -8.77
N TYR A 87 -7.53 0.73 -9.75
CA TYR A 87 -7.09 1.88 -10.53
C TYR A 87 -7.56 1.76 -11.96
N CYS A 88 -7.89 2.88 -12.57
CA CYS A 88 -8.09 2.97 -14.01
C CYS A 88 -6.90 3.69 -14.62
N GLN A 89 -6.63 3.38 -15.89
CA GLN A 89 -5.48 3.94 -16.59
C GLN A 89 -5.88 4.24 -18.03
N GLN A 90 -5.41 5.38 -18.53
CA GLN A 90 -5.53 5.71 -19.95
C GLN A 90 -4.15 5.59 -20.60
N TYR A 91 -4.13 5.02 -21.80
CA TYR A 91 -2.92 4.93 -22.60
C TYR A 91 -3.17 5.44 -24.01
N ASN A 92 -4.15 6.33 -24.17
CA ASN A 92 -4.41 6.94 -25.46
C ASN A 92 -3.39 8.02 -25.78
N ASN A 93 -2.93 8.76 -24.76
CA ASN A 93 -1.94 9.80 -24.91
C ASN A 93 -0.78 9.57 -23.96
N TYR A 94 0.43 9.81 -24.44
CA TYR A 94 1.59 9.73 -23.56
C TYR A 94 1.75 11.06 -22.81
N PRO A 95 2.11 11.03 -21.52
CA PRO A 95 2.42 9.86 -20.69
C PRO A 95 1.17 9.11 -20.26
N LEU A 96 1.30 7.81 -19.97
CA LEU A 96 0.19 7.06 -19.39
C LEU A 96 -0.09 7.59 -17.99
N THR A 97 -1.37 7.60 -17.62
CA THR A 97 -1.79 8.22 -16.37
C THR A 97 -2.81 7.34 -15.67
N PHE A 98 -2.69 7.26 -14.35
CA PHE A 98 -3.60 6.51 -13.50
C PHE A 98 -4.50 7.48 -12.74
N GLY A 99 -5.48 6.91 -12.03
CA GLY A 99 -6.34 7.65 -11.15
C GLY A 99 -5.95 7.49 -9.69
N ALA A 100 -6.68 8.20 -8.83
CA ALA A 100 -6.42 8.13 -7.39
C ALA A 100 -6.70 6.74 -6.84
N GLY A 101 -7.62 6.00 -7.47
CA GLY A 101 -7.94 4.66 -7.03
C GLY A 101 -9.16 4.57 -6.13
N THR A 102 -9.93 3.51 -6.28
CA THR A 102 -11.08 3.23 -5.44
C THR A 102 -10.75 2.06 -4.52
N LYS A 103 -11.08 2.22 -3.24
CA LYS A 103 -10.79 1.21 -2.22
C LYS A 103 -12.08 0.51 -1.84
N LEU A 104 -12.15 -0.80 -2.10
CA LEU A 104 -13.32 -1.61 -1.76
C LEU A 104 -13.20 -2.08 -0.32
N GLU A 105 -14.12 -1.61 0.54
CA GLU A 105 -14.19 -2.05 1.92
C GLU A 105 -15.23 -3.15 2.07
N LEU A 106 -14.97 -4.07 2.98
CA LEU A 106 -15.84 -5.22 3.19
C LEU A 106 -16.87 -4.86 4.26
N LYS A 107 -18.13 -4.74 3.86
CA LYS A 107 -19.19 -4.40 4.78
C LYS A 107 -19.52 -5.57 5.70
N ARG A 108 -19.66 -5.28 6.99
CA ARG A 108 -20.01 -6.29 7.98
C ARG A 108 -20.79 -5.61 9.10
N THR A 109 -21.17 -6.40 10.09
CA THR A 109 -21.96 -5.90 11.21
C THR A 109 -21.09 -5.04 12.14
N VAL A 110 -21.76 -4.23 12.96
CA VAL A 110 -21.04 -3.38 13.89
C VAL A 110 -20.27 -4.22 14.89
N ALA A 111 -19.06 -3.76 15.22
CA ALA A 111 -18.23 -4.39 16.23
C ALA A 111 -17.63 -3.28 17.09
N ALA A 112 -17.89 -3.33 18.39
CA ALA A 112 -17.37 -2.32 19.28
C ALA A 112 -15.91 -2.59 19.62
N PRO A 113 -15.12 -1.56 19.89
CA PRO A 113 -13.69 -1.77 20.16
C PRO A 113 -13.41 -2.17 21.59
N SER A 114 -12.28 -2.83 21.77
CA SER A 114 -11.69 -3.07 23.08
C SER A 114 -10.54 -2.09 23.25
N VAL A 115 -10.59 -1.31 24.33
CA VAL A 115 -9.65 -0.21 24.53
C VAL A 115 -8.59 -0.62 25.55
N PHE A 116 -7.35 -0.21 25.31
CA PHE A 116 -6.26 -0.42 26.23
C PHE A 116 -5.35 0.80 26.18
N ILE A 117 -4.67 1.08 27.29
CA ILE A 117 -3.75 2.20 27.39
C ILE A 117 -2.44 1.69 27.97
N PHE A 118 -1.33 2.20 27.43
CA PHE A 118 0.01 1.74 27.81
C PHE A 118 0.84 2.94 28.26
N PRO A 119 1.28 3.00 29.52
CA PRO A 119 2.18 4.07 29.93
C PRO A 119 3.53 3.94 29.24
N PRO A 120 4.34 4.99 29.25
CA PRO A 120 5.69 4.87 28.69
C PRO A 120 6.57 4.02 29.60
N SER A 121 7.46 3.24 28.98
CA SER A 121 8.31 2.33 29.72
C SER A 121 9.44 3.10 30.40
N ASP A 122 10.04 2.46 31.40
CA ASP A 122 11.19 3.06 32.07
C ASP A 122 12.39 3.16 31.14
N GLU A 123 12.48 2.28 30.14
CA GLU A 123 13.57 2.35 29.19
C GLU A 123 13.49 3.59 28.32
N GLN A 124 12.27 3.98 27.93
CA GLN A 124 12.11 5.15 27.07
C GLN A 124 12.27 6.45 27.83
N LEU A 125 12.01 6.44 29.14
CA LEU A 125 12.16 7.67 29.92
C LEU A 125 13.63 8.06 30.05
N LYS A 126 14.51 7.09 30.27
CA LYS A 126 15.95 7.37 30.26
C LYS A 126 16.33 8.13 29.00
N SER A 127 15.85 7.67 27.84
CA SER A 127 16.19 8.32 26.59
C SER A 127 15.76 9.78 26.56
N GLY A 128 14.70 10.12 27.28
CA GLY A 128 14.21 11.47 27.34
C GLY A 128 12.90 11.73 26.61
N THR A 129 12.19 10.67 26.19
CA THR A 129 10.92 10.80 25.50
C THR A 129 9.89 9.92 26.17
N ALA A 130 8.62 10.33 26.06
CA ALA A 130 7.50 9.60 26.63
C ALA A 130 6.43 9.42 25.56
N SER A 131 6.09 8.16 25.28
CA SER A 131 5.04 7.82 24.32
C SER A 131 3.94 7.08 25.05
N VAL A 132 2.73 7.64 25.04
CA VAL A 132 1.55 7.03 25.64
C VAL A 132 0.68 6.52 24.52
N VAL A 133 0.48 5.20 24.47
CA VAL A 133 -0.23 4.55 23.38
C VAL A 133 -1.60 4.12 23.87
N CYS A 134 -2.62 4.37 23.04
CA CYS A 134 -3.99 3.92 23.29
C CYS A 134 -4.40 3.00 22.15
N LEU A 135 -4.82 1.79 22.48
CA LEU A 135 -5.08 0.74 21.50
C LEU A 135 -6.57 0.50 21.38
N LEU A 136 -7.08 0.55 20.15
CA LEU A 136 -8.43 0.12 19.82
C LEU A 136 -8.32 -1.14 18.98
N ASN A 137 -8.84 -2.26 19.49
CA ASN A 137 -8.71 -3.55 18.84
C ASN A 137 -10.08 -4.04 18.38
N ASN A 138 -10.13 -4.60 17.16
CA ASN A 138 -11.33 -5.23 16.64
C ASN A 138 -12.52 -4.27 16.73
N PHE A 139 -12.79 -3.55 15.65
CA PHE A 139 -14.00 -2.73 15.60
C PHE A 139 -14.35 -2.44 14.16
N TYR A 140 -15.65 -2.16 13.95
CA TYR A 140 -16.19 -1.81 12.65
C TYR A 140 -17.46 -1.01 12.91
N PRO A 141 -17.74 0.04 12.12
CA PRO A 141 -16.99 0.59 10.98
C PRO A 141 -15.67 1.22 11.37
N ARG A 142 -14.96 1.78 10.38
CA ARG A 142 -13.68 2.43 10.67
C ARG A 142 -13.87 3.66 11.53
N GLU A 143 -14.90 4.46 11.24
CA GLU A 143 -15.04 5.76 11.90
C GLU A 143 -15.02 5.62 13.41
N ALA A 144 -14.07 6.31 14.04
CA ALA A 144 -13.89 6.26 15.48
C ALA A 144 -13.12 7.48 15.93
N LYS A 145 -13.57 8.09 17.02
CA LYS A 145 -12.94 9.27 17.59
C LYS A 145 -12.26 8.88 18.89
N VAL A 146 -10.96 9.17 18.99
CA VAL A 146 -10.16 8.85 20.16
C VAL A 146 -9.54 10.16 20.66
N GLN A 147 -10.02 10.63 21.80
CA GLN A 147 -9.54 11.88 22.39
C GLN A 147 -8.67 11.58 23.60
N TRP A 148 -7.72 12.48 23.87
CA TRP A 148 -6.80 12.34 24.99
C TRP A 148 -7.13 13.36 26.06
N LYS A 149 -7.02 12.94 27.32
CA LYS A 149 -7.26 13.81 28.46
C LYS A 149 -6.11 13.64 29.45
N VAL A 150 -5.35 14.72 29.67
CA VAL A 150 -4.29 14.75 30.65
C VAL A 150 -4.76 15.62 31.81
N ASP A 151 -4.71 15.08 33.03
CA ASP A 151 -5.29 15.74 34.19
C ASP A 151 -6.72 16.18 33.87
N ASN A 152 -7.45 15.32 33.18
CA ASN A 152 -8.83 15.56 32.77
C ASN A 152 -8.96 16.80 31.88
N ALA A 153 -7.87 17.21 31.24
CA ALA A 153 -7.88 18.33 30.30
C ALA A 153 -7.78 17.81 28.88
N LEU A 154 -8.66 18.29 28.01
CA LEU A 154 -8.70 17.81 26.63
C LEU A 154 -7.50 18.33 25.85
N GLN A 155 -6.84 17.44 25.11
CA GLN A 155 -5.65 17.76 24.35
C GLN A 155 -5.98 18.03 22.89
N SER A 156 -5.00 18.55 22.16
CA SER A 156 -5.18 18.88 20.74
C SER A 156 -3.82 18.96 20.06
N GLY A 157 -3.66 18.22 18.97
CA GLY A 157 -2.51 18.36 18.11
C GLY A 157 -1.25 17.68 18.56
N ASN A 158 -1.31 16.85 19.61
CA ASN A 158 -0.13 16.20 20.17
C ASN A 158 -0.25 14.69 20.14
N SER A 159 -0.99 14.15 19.15
CA SER A 159 -1.21 12.72 19.06
C SER A 159 -1.37 12.31 17.60
N GLN A 160 -0.67 11.26 17.21
CA GLN A 160 -0.79 10.66 15.89
C GLN A 160 -1.43 9.28 16.02
N GLU A 161 -2.11 8.83 14.97
CA GLU A 161 -2.76 7.53 15.00
C GLU A 161 -2.63 6.86 13.64
N SER A 162 -2.58 5.53 13.66
CA SER A 162 -2.53 4.71 12.46
C SER A 162 -3.44 3.50 12.65
N VAL A 163 -3.99 3.01 11.54
CA VAL A 163 -4.95 1.92 11.56
C VAL A 163 -4.42 0.79 10.68
N THR A 164 -4.88 -0.42 10.97
CA THR A 164 -4.54 -1.58 10.17
C THR A 164 -5.60 -1.81 9.09
N GLU A 165 -5.21 -2.59 8.08
CA GLU A 165 -6.17 -3.02 7.07
C GLU A 165 -7.20 -3.95 7.70
N GLN A 166 -8.34 -4.10 7.02
CA GLN A 166 -9.35 -5.04 7.49
C GLN A 166 -8.75 -6.42 7.67
N ASP A 167 -9.11 -7.06 8.78
CA ASP A 167 -8.54 -8.37 9.09
C ASP A 167 -8.94 -9.40 8.05
N SER A 168 -8.11 -10.43 7.91
CA SER A 168 -8.37 -11.47 6.91
C SER A 168 -9.61 -12.27 7.24
N LYS A 169 -9.86 -12.53 8.52
CA LYS A 169 -11.02 -13.29 8.97
C LYS A 169 -12.07 -12.45 9.67
N ASP A 170 -11.66 -11.47 10.48
CA ASP A 170 -12.62 -10.64 11.21
C ASP A 170 -13.22 -9.56 10.33
N SER A 171 -12.44 -9.01 9.41
CA SER A 171 -12.80 -7.82 8.65
C SER A 171 -12.92 -6.58 9.53
N THR A 172 -12.33 -6.63 10.73
CA THR A 172 -12.38 -5.53 11.67
C THR A 172 -11.07 -4.73 11.63
N TYR A 173 -11.12 -3.53 12.18
CA TYR A 173 -9.97 -2.64 12.24
C TYR A 173 -9.34 -2.66 13.62
N SER A 174 -8.07 -2.27 13.66
CA SER A 174 -7.35 -2.05 14.91
C SER A 174 -6.56 -0.77 14.78
N LEU A 175 -6.81 0.17 15.69
CA LEU A 175 -6.24 1.51 15.62
C LEU A 175 -5.36 1.75 16.85
N SER A 176 -4.27 2.48 16.64
CA SER A 176 -3.40 2.93 17.71
C SER A 176 -3.31 4.45 17.67
N SER A 177 -3.34 5.07 18.85
CA SER A 177 -3.19 6.51 18.99
C SER A 177 -2.06 6.76 19.98
N THR A 178 -0.98 7.39 19.51
CA THR A 178 0.22 7.59 20.30
C THR A 178 0.35 9.07 20.66
N LEU A 179 0.33 9.35 21.96
CA LEU A 179 0.62 10.69 22.47
C LEU A 179 2.12 10.78 22.75
N THR A 180 2.78 11.74 22.11
CA THR A 180 4.24 11.89 22.19
C THR A 180 4.56 13.14 23.01
N LEU A 181 4.98 12.93 24.24
CA LEU A 181 5.47 13.99 25.11
C LEU A 181 6.96 13.79 25.39
N SER A 182 7.57 14.83 25.95
CA SER A 182 8.93 14.73 26.45
C SER A 182 8.89 14.36 27.93
N LYS A 183 9.97 13.70 28.38
CA LYS A 183 10.04 13.27 29.78
C LYS A 183 9.75 14.44 30.72
N ALA A 184 10.28 15.62 30.41
CA ALA A 184 10.00 16.80 31.23
C ALA A 184 8.50 17.09 31.27
N ASP A 185 7.88 17.20 30.10
CA ASP A 185 6.46 17.52 30.06
C ASP A 185 5.59 16.38 30.57
N TYR A 186 6.04 15.14 30.39
CA TYR A 186 5.25 13.99 30.83
C TYR A 186 5.15 13.90 32.34
N GLU A 187 6.10 14.51 33.07
CA GLU A 187 6.09 14.47 34.53
C GLU A 187 5.37 15.68 35.14
N LYS A 188 4.95 16.65 34.33
CA LYS A 188 4.17 17.77 34.83
C LYS A 188 2.72 17.39 35.12
N HIS A 189 2.29 16.21 34.71
CA HIS A 189 0.92 15.75 34.90
C HIS A 189 0.95 14.36 35.53
N LYS A 190 -0.22 13.89 35.96
CA LYS A 190 -0.30 12.63 36.68
C LYS A 190 -1.29 11.68 36.05
N VAL A 191 -2.51 12.14 35.78
CA VAL A 191 -3.58 11.29 35.25
C VAL A 191 -3.58 11.41 33.73
N TYR A 192 -3.40 10.29 33.05
CA TYR A 192 -3.44 10.21 31.59
C TYR A 192 -4.56 9.27 31.19
N ALA A 193 -5.53 9.78 30.43
CA ALA A 193 -6.70 9.04 30.03
C ALA A 193 -6.84 9.02 28.52
N CYS A 194 -7.71 8.13 28.04
CA CYS A 194 -7.99 7.97 26.61
C CYS A 194 -9.48 7.73 26.46
N GLU A 195 -10.19 8.67 25.87
CA GLU A 195 -11.63 8.56 25.64
C GLU A 195 -11.88 8.09 24.22
N VAL A 196 -12.76 7.12 24.06
CA VAL A 196 -13.03 6.48 22.78
C VAL A 196 -14.53 6.63 22.48
N THR A 197 -14.84 7.00 21.25
CA THR A 197 -16.21 7.14 20.78
C THR A 197 -16.38 6.29 19.53
N HIS A 198 -17.35 5.37 19.57
CA HIS A 198 -17.61 4.50 18.43
C HIS A 198 -19.08 4.13 18.40
N GLN A 199 -19.58 3.83 17.21
CA GLN A 199 -20.99 3.47 17.06
C GLN A 199 -21.35 2.22 17.86
N GLY A 200 -20.39 1.33 18.08
CA GLY A 200 -20.63 0.13 18.86
C GLY A 200 -20.71 0.34 20.35
N LEU A 201 -20.48 1.57 20.81
CA LEU A 201 -20.51 1.91 22.23
C LEU A 201 -21.68 2.86 22.48
N SER A 202 -22.59 2.47 23.37
CA SER A 202 -23.69 3.35 23.72
C SER A 202 -23.20 4.66 24.33
N SER A 203 -22.04 4.63 24.97
CA SER A 203 -21.41 5.83 25.52
C SER A 203 -19.91 5.64 25.44
N PRO A 204 -19.14 6.73 25.41
CA PRO A 204 -17.70 6.61 25.23
C PRO A 204 -17.05 5.78 26.33
N VAL A 205 -16.01 5.05 25.95
CA VAL A 205 -15.21 4.26 26.88
C VAL A 205 -13.92 5.01 27.17
N THR A 206 -13.54 5.04 28.44
CA THR A 206 -12.36 5.79 28.88
C THR A 206 -11.46 4.87 29.70
N LYS A 207 -10.18 4.83 29.34
CA LYS A 207 -9.18 4.08 30.08
C LYS A 207 -8.03 5.02 30.42
N SER A 208 -7.57 4.99 31.67
CA SER A 208 -6.56 5.92 32.13
C SER A 208 -5.54 5.19 33.02
N PHE A 209 -4.52 5.92 33.42
CA PHE A 209 -3.48 5.43 34.31
C PHE A 209 -2.81 6.63 34.95
N ASN A 210 -2.47 6.51 36.23
CA ASN A 210 -1.77 7.56 36.95
C ASN A 210 -0.28 7.27 36.96
N ARG A 211 0.52 8.32 36.78
CA ARG A 211 1.98 8.18 36.80
C ARG A 211 2.42 7.60 38.14
N GLY A 212 2.82 6.33 38.14
CA GLY A 212 3.12 5.61 39.36
C GLY A 212 2.02 4.69 39.83
N GLU A 213 0.99 4.46 39.01
CA GLU A 213 -0.10 3.58 39.42
C GLU A 213 0.38 2.17 39.72
N ALA A 214 1.44 1.73 39.06
CA ALA A 214 1.99 0.40 39.28
C ALA A 214 3.29 0.48 40.10
N GLU B 1 7.87 -21.12 -14.37
CA GLU B 1 7.46 -19.87 -13.65
C GLU B 1 8.05 -18.64 -14.32
N VAL B 2 7.18 -17.70 -14.66
CA VAL B 2 7.62 -16.38 -15.09
C VAL B 2 7.94 -15.56 -13.86
N GLN B 3 9.16 -15.04 -13.78
CA GLN B 3 9.63 -14.30 -12.62
C GLN B 3 10.33 -13.01 -13.06
N LEU B 4 10.01 -11.93 -12.37
CA LEU B 4 10.68 -10.64 -12.55
C LEU B 4 11.24 -10.23 -11.20
N VAL B 5 12.54 -10.47 -11.00
CA VAL B 5 13.22 -10.15 -9.76
C VAL B 5 13.93 -8.81 -9.93
N GLU B 6 13.63 -7.87 -9.04
CA GLU B 6 14.23 -6.54 -9.08
C GLU B 6 15.32 -6.43 -8.03
N SER B 7 16.43 -5.80 -8.40
CA SER B 7 17.56 -5.56 -7.52
C SER B 7 17.88 -4.07 -7.52
N GLY B 8 18.87 -3.70 -6.72
CA GLY B 8 19.20 -2.30 -6.54
C GLY B 8 18.37 -1.70 -5.43
N GLY B 9 18.07 -0.41 -5.53
CA GLY B 9 17.22 0.25 -4.55
C GLY B 9 17.92 0.48 -3.23
N GLY B 10 17.39 1.37 -2.41
CA GLY B 10 18.00 1.69 -1.14
C GLY B 10 17.84 3.15 -0.77
N LEU B 11 18.90 3.73 -0.20
CA LEU B 11 18.87 5.11 0.30
C LEU B 11 19.94 5.91 -0.42
N VAL B 12 19.51 6.98 -1.09
CA VAL B 12 20.42 7.91 -1.76
C VAL B 12 20.07 9.33 -1.32
N GLN B 13 21.02 10.24 -1.49
CA GLN B 13 20.84 11.63 -1.10
C GLN B 13 20.36 12.45 -2.28
N PRO B 14 19.70 13.58 -2.03
CA PRO B 14 19.26 14.44 -3.14
C PRO B 14 20.42 14.77 -4.08
N GLY B 15 20.16 14.65 -5.38
CA GLY B 15 21.19 14.82 -6.37
C GLY B 15 22.02 13.59 -6.65
N GLY B 16 21.79 12.50 -5.91
CA GLY B 16 22.55 11.28 -6.12
C GLY B 16 21.97 10.44 -7.25
N SER B 17 22.66 9.34 -7.53
CA SER B 17 22.29 8.43 -8.60
C SER B 17 22.07 7.03 -8.03
N LEU B 18 21.30 6.24 -8.78
CA LEU B 18 21.00 4.87 -8.38
C LEU B 18 20.55 4.09 -9.60
N ARG B 19 20.87 2.80 -9.63
CA ARG B 19 20.54 1.93 -10.75
C ARG B 19 19.69 0.77 -10.26
N LEU B 20 18.50 0.64 -10.83
CA LEU B 20 17.59 -0.44 -10.50
C LEU B 20 17.64 -1.51 -11.59
N SER B 21 17.57 -2.77 -11.17
CA SER B 21 17.60 -3.92 -12.07
C SER B 21 16.24 -4.62 -12.06
N CYS B 22 16.06 -5.48 -13.07
CA CYS B 22 14.82 -6.25 -13.20
C CYS B 22 15.13 -7.44 -14.11
N ALA B 23 15.49 -8.57 -13.51
CA ALA B 23 15.86 -9.77 -14.25
C ALA B 23 14.64 -10.66 -14.47
N ALA B 24 14.55 -11.22 -15.66
CA ALA B 24 13.41 -12.03 -16.07
C ALA B 24 13.83 -13.46 -16.32
N SER B 25 12.91 -14.39 -16.04
CA SER B 25 13.13 -15.81 -16.29
C SER B 25 11.78 -16.49 -16.39
N GLY B 26 11.60 -17.29 -17.44
CA GLY B 26 10.37 -18.04 -17.63
C GLY B 26 9.57 -17.65 -18.86
N PHE B 27 9.88 -16.52 -19.50
CA PHE B 27 9.20 -16.16 -20.74
C PHE B 27 10.20 -15.44 -21.64
N THR B 28 9.91 -15.45 -22.94
CA THR B 28 10.80 -14.88 -23.93
C THR B 28 10.96 -13.38 -23.71
N PHE B 29 12.09 -12.96 -23.15
CA PHE B 29 12.28 -11.56 -22.76
C PHE B 29 12.40 -10.66 -23.98
N SER B 30 13.28 -11.02 -24.92
CA SER B 30 13.51 -10.20 -26.10
C SER B 30 12.24 -9.96 -26.91
N ARG B 31 11.18 -10.72 -26.66
CA ARG B 31 9.99 -10.68 -27.49
C ARG B 31 9.10 -9.47 -27.20
N TYR B 32 9.03 -9.02 -25.95
CA TYR B 32 7.99 -8.10 -25.51
C TYR B 32 8.59 -6.80 -24.99
N TRP B 33 7.72 -5.79 -24.89
CA TRP B 33 8.07 -4.55 -24.23
C TRP B 33 8.14 -4.74 -22.72
N MET B 34 8.97 -3.92 -22.07
CA MET B 34 8.98 -3.80 -20.63
C MET B 34 8.67 -2.35 -20.27
N SER B 35 8.35 -2.11 -19.00
CA SER B 35 8.03 -0.75 -18.57
C SER B 35 8.25 -0.64 -17.07
N TRP B 36 8.40 0.61 -16.61
CA TRP B 36 8.60 0.93 -15.22
C TRP B 36 7.43 1.75 -14.71
N VAL B 37 6.96 1.41 -13.51
CA VAL B 37 5.88 2.12 -12.84
C VAL B 37 6.23 2.24 -11.37
N ARG B 38 6.17 3.44 -10.83
CA ARG B 38 6.51 3.70 -9.43
C ARG B 38 5.26 4.11 -8.65
N GLN B 39 5.37 4.02 -7.32
CA GLN B 39 4.25 4.31 -6.45
C GLN B 39 4.80 4.92 -5.17
N ALA B 40 4.51 6.20 -4.95
CA ALA B 40 4.96 6.86 -3.73
C ALA B 40 4.22 6.27 -2.53
N PRO B 41 4.88 6.16 -1.37
CA PRO B 41 4.24 5.50 -0.22
C PRO B 41 2.86 6.08 0.09
N GLY B 42 1.83 5.23 0.00
CA GLY B 42 0.48 5.62 0.33
C GLY B 42 -0.28 6.32 -0.79
N LYS B 43 0.39 6.77 -1.83
CA LYS B 43 -0.26 7.50 -2.92
C LYS B 43 -0.54 6.55 -4.09
N GLY B 44 -0.81 7.11 -5.26
CA GLY B 44 -1.22 6.33 -6.41
C GLY B 44 -0.06 5.90 -7.28
N LEU B 45 -0.39 5.29 -8.41
CA LEU B 45 0.58 4.79 -9.36
C LEU B 45 1.01 5.89 -10.32
N VAL B 46 2.27 5.82 -10.75
CA VAL B 46 2.84 6.79 -11.67
C VAL B 46 3.66 6.06 -12.73
N TRP B 47 3.38 6.36 -13.99
CA TRP B 47 4.08 5.72 -15.11
C TRP B 47 5.42 6.41 -15.34
N VAL B 48 6.48 5.63 -15.43
CA VAL B 48 7.84 6.15 -15.57
C VAL B 48 8.31 6.08 -17.02
N GLY B 49 8.02 5.00 -17.72
CA GLY B 49 8.44 4.86 -19.09
C GLY B 49 8.33 3.43 -19.56
N GLU B 50 8.63 3.24 -20.84
CA GLU B 50 8.65 1.93 -21.47
C GLU B 50 9.84 1.85 -22.41
N ILE B 51 10.08 0.66 -22.95
CA ILE B 51 11.21 0.45 -23.84
C ILE B 51 10.83 -0.58 -24.90
N ASN B 52 11.37 -0.40 -26.10
CA ASN B 52 11.11 -1.31 -27.20
C ASN B 52 11.81 -2.65 -26.98
N PRO B 53 11.37 -3.71 -27.67
CA PRO B 53 12.12 -4.97 -27.58
C PRO B 53 13.59 -4.84 -28.00
N ASN B 54 13.86 -4.10 -29.07
CA ASN B 54 15.23 -3.89 -29.55
C ASN B 54 15.76 -2.50 -29.20
N SER B 55 15.18 -1.85 -28.19
CA SER B 55 15.68 -0.57 -27.66
C SER B 55 15.68 0.54 -28.71
N SER B 56 14.91 0.38 -29.77
CA SER B 56 14.76 1.43 -30.78
C SER B 56 13.67 2.42 -30.43
N THR B 57 13.05 2.28 -29.25
CA THR B 57 12.00 3.19 -28.81
C THR B 57 12.02 3.22 -27.30
N ILE B 58 12.15 4.42 -26.72
CA ILE B 58 12.11 4.58 -25.27
C ILE B 58 11.28 5.81 -24.93
N ASN B 59 10.03 5.59 -24.52
CA ASN B 59 9.18 6.67 -24.07
C ASN B 59 9.31 6.84 -22.57
N TYR B 60 9.37 8.09 -22.13
CA TYR B 60 9.45 8.44 -20.72
C TYR B 60 8.27 9.30 -20.33
N ALA B 61 8.08 9.46 -19.03
CA ALA B 61 7.17 10.47 -18.51
C ALA B 61 7.86 11.83 -18.58
N PRO B 62 7.18 12.88 -19.06
CA PRO B 62 7.86 14.18 -19.23
C PRO B 62 8.66 14.62 -18.01
N SER B 63 8.08 14.50 -16.82
CA SER B 63 8.79 14.94 -15.61
C SER B 63 10.12 14.23 -15.45
N LEU B 64 10.24 12.99 -15.93
CA LEU B 64 11.41 12.16 -15.67
C LEU B 64 12.32 12.01 -16.89
N LYS B 65 11.99 12.63 -18.02
CA LYS B 65 12.87 12.60 -19.16
C LYS B 65 14.19 13.29 -18.81
N ASP B 66 15.29 12.77 -19.37
CA ASP B 66 16.63 13.28 -19.10
C ASP B 66 17.10 12.88 -17.71
N LYS B 67 16.22 12.96 -16.71
CA LYS B 67 16.59 12.58 -15.36
C LYS B 67 16.80 11.07 -15.25
N PHE B 68 15.81 10.28 -15.68
CA PHE B 68 15.91 8.83 -15.68
C PHE B 68 16.29 8.32 -17.06
N THR B 69 16.78 7.08 -17.11
CA THR B 69 17.18 6.45 -18.35
C THR B 69 16.86 4.96 -18.29
N ILE B 70 16.22 4.45 -19.35
CA ILE B 70 15.82 3.06 -19.44
C ILE B 70 16.68 2.36 -20.48
N SER B 71 16.93 1.07 -20.24
CA SER B 71 17.73 0.25 -21.14
C SER B 71 17.41 -1.20 -20.86
N ARG B 72 17.84 -2.08 -21.76
CA ARG B 72 17.61 -3.51 -21.61
C ARG B 72 18.73 -4.29 -22.28
N ASP B 73 19.26 -5.28 -21.57
CA ASP B 73 20.29 -6.17 -22.11
C ASP B 73 19.59 -7.46 -22.52
N ASN B 74 19.24 -7.56 -23.80
CA ASN B 74 18.49 -8.70 -24.31
C ASN B 74 19.26 -10.00 -24.27
N ALA B 75 20.52 -9.98 -23.83
CA ALA B 75 21.27 -11.22 -23.64
C ALA B 75 21.07 -11.77 -22.23
N LYS B 76 21.22 -10.92 -21.21
CA LYS B 76 20.94 -11.30 -19.84
C LYS B 76 19.45 -11.37 -19.52
N ASN B 77 18.59 -10.93 -20.44
CA ASN B 77 17.16 -10.81 -20.18
C ASN B 77 16.91 -9.97 -18.93
N THR B 78 17.46 -8.76 -18.95
CA THR B 78 17.44 -7.87 -17.80
C THR B 78 17.07 -6.46 -18.22
N LEU B 79 16.21 -5.83 -17.43
CA LEU B 79 15.80 -4.44 -17.62
C LEU B 79 16.48 -3.56 -16.60
N TYR B 80 16.74 -2.31 -16.98
CA TYR B 80 17.46 -1.37 -16.14
C TYR B 80 16.74 -0.03 -16.10
N LEU B 81 16.85 0.64 -14.95
CA LEU B 81 16.38 2.01 -14.79
C LEU B 81 17.49 2.81 -14.10
N GLN B 82 18.30 3.49 -14.89
CA GLN B 82 19.32 4.37 -14.36
C GLN B 82 18.67 5.68 -13.92
N MET B 83 18.88 6.05 -12.66
CA MET B 83 18.30 7.26 -12.09
C MET B 83 19.42 8.20 -11.65
N ASN B 84 19.30 9.47 -12.04
CA ASN B 84 20.29 10.49 -11.70
C ASN B 84 19.56 11.76 -11.26
N SER B 85 20.23 12.55 -10.43
CA SER B 85 19.68 13.83 -9.99
C SER B 85 18.35 13.65 -9.26
N LEU B 86 18.35 12.76 -8.27
CA LEU B 86 17.11 12.37 -7.60
C LEU B 86 16.67 13.43 -6.59
N ARG B 87 15.36 13.56 -6.45
CA ARG B 87 14.72 14.43 -5.48
C ARG B 87 13.90 13.59 -4.51
N ALA B 88 13.28 14.26 -3.54
CA ALA B 88 12.43 13.55 -2.58
C ALA B 88 11.13 13.08 -3.21
N GLU B 89 10.60 13.86 -4.16
CA GLU B 89 9.38 13.46 -4.86
C GLU B 89 9.54 12.11 -5.54
N ASP B 90 10.77 11.72 -5.87
CA ASP B 90 11.01 10.45 -6.54
C ASP B 90 10.96 9.26 -5.60
N THR B 91 10.89 9.49 -4.29
CA THR B 91 10.77 8.40 -3.35
C THR B 91 9.53 7.57 -3.65
N ALA B 92 9.72 6.27 -3.85
CA ALA B 92 8.62 5.39 -4.22
C ALA B 92 9.15 3.97 -4.36
N VAL B 93 8.23 3.03 -4.51
CA VAL B 93 8.55 1.65 -4.89
C VAL B 93 8.47 1.56 -6.41
N TYR B 94 9.52 1.05 -7.02
CA TYR B 94 9.62 0.96 -8.47
C TYR B 94 9.34 -0.47 -8.94
N TYR B 95 8.31 -0.63 -9.76
CA TYR B 95 7.94 -1.92 -10.33
C TYR B 95 8.32 -1.97 -11.80
N CYS B 96 8.83 -3.12 -12.25
CA CYS B 96 8.96 -3.40 -13.67
C CYS B 96 7.86 -4.34 -14.10
N ALA B 97 7.39 -4.16 -15.33
CA ALA B 97 6.24 -4.89 -15.82
C ALA B 97 6.36 -5.11 -17.32
N SER B 98 5.65 -6.13 -17.79
CA SER B 98 5.61 -6.47 -19.22
C SER B 98 4.20 -6.91 -19.56
N LEU B 99 3.56 -6.19 -20.47
CA LEU B 99 2.20 -6.49 -20.92
C LEU B 99 2.24 -6.78 -22.42
N TYR B 100 1.74 -7.94 -22.81
CA TYR B 100 1.79 -8.35 -24.20
C TYR B 100 0.54 -9.14 -24.54
N TYR B 101 0.30 -9.30 -25.84
CA TYR B 101 -0.83 -10.06 -26.37
C TYR B 101 -0.27 -11.14 -27.29
N ASP B 102 -0.13 -12.35 -26.75
CA ASP B 102 0.32 -13.49 -27.53
C ASP B 102 -0.55 -14.68 -27.17
N TYR B 103 -0.53 -15.69 -28.05
CA TYR B 103 -1.29 -16.92 -27.86
C TYR B 103 -2.80 -16.66 -27.83
N GLY B 104 -3.23 -15.48 -28.28
CA GLY B 104 -4.64 -15.13 -28.27
C GLY B 104 -5.15 -14.58 -26.95
N ASP B 105 -4.26 -14.25 -26.02
CA ASP B 105 -4.66 -13.73 -24.71
C ASP B 105 -3.71 -12.61 -24.31
N ALA B 106 -4.19 -11.75 -23.42
CA ALA B 106 -3.41 -10.64 -22.89
C ALA B 106 -2.87 -11.03 -21.51
N TYR B 107 -1.55 -10.90 -21.34
CA TYR B 107 -0.89 -11.26 -20.10
C TYR B 107 -0.20 -10.03 -19.50
N ASP B 108 -0.02 -10.06 -18.19
CA ASP B 108 0.74 -9.03 -17.48
C ASP B 108 1.59 -9.72 -16.43
N TYR B 109 2.88 -9.39 -16.40
CA TYR B 109 3.81 -9.93 -15.42
C TYR B 109 4.53 -8.78 -14.74
N TRP B 110 4.48 -8.76 -13.42
CA TRP B 110 5.01 -7.66 -12.62
C TRP B 110 6.12 -8.16 -11.71
N GLY B 111 7.05 -7.26 -11.38
CA GLY B 111 8.11 -7.57 -10.46
C GLY B 111 7.66 -7.44 -9.01
N GLN B 112 8.61 -7.72 -8.11
CA GLN B 112 8.33 -7.63 -6.68
C GLN B 112 8.19 -6.18 -6.23
N GLY B 113 8.92 -5.26 -6.87
CA GLY B 113 8.99 -3.90 -6.40
C GLY B 113 10.18 -3.68 -5.50
N THR B 114 10.89 -2.57 -5.68
CA THR B 114 12.06 -2.24 -4.88
C THR B 114 11.96 -0.77 -4.45
N LEU B 115 12.23 -0.52 -3.17
CA LEU B 115 12.00 0.79 -2.58
C LEU B 115 13.22 1.69 -2.80
N VAL B 116 12.97 2.91 -3.26
CA VAL B 116 13.99 3.93 -3.42
C VAL B 116 13.58 5.12 -2.56
N THR B 117 14.41 5.44 -1.58
CA THR B 117 14.12 6.51 -0.61
C THR B 117 15.16 7.62 -0.79
N VAL B 118 14.69 8.79 -1.23
CA VAL B 118 15.55 9.96 -1.40
C VAL B 118 15.32 10.87 -0.21
N SER B 119 16.38 11.09 0.58
CA SER B 119 16.30 11.94 1.76
C SER B 119 17.70 12.36 2.16
N SER B 120 17.77 13.29 3.11
CA SER B 120 19.03 13.77 3.66
C SER B 120 19.36 13.18 5.02
N ALA B 121 18.47 12.35 5.57
CA ALA B 121 18.72 11.72 6.86
C ALA B 121 19.66 10.53 6.71
N SER B 122 20.11 10.01 7.85
CA SER B 122 21.06 8.90 7.89
C SER B 122 20.37 7.64 8.39
N THR B 123 21.00 6.50 8.08
CA THR B 123 20.45 5.21 8.50
C THR B 123 20.41 5.10 10.01
N LYS B 124 19.23 5.31 10.60
CA LYS B 124 19.02 5.19 12.03
C LYS B 124 18.48 3.81 12.36
N GLY B 125 19.01 3.23 13.44
CA GLY B 125 18.51 1.96 13.93
C GLY B 125 17.33 2.17 14.86
N PRO B 126 16.41 1.20 14.92
CA PRO B 126 15.23 1.39 15.76
C PRO B 126 15.53 1.22 17.25
N SER B 127 14.77 1.96 18.05
CA SER B 127 14.72 1.77 19.49
C SER B 127 13.43 1.04 19.84
N VAL B 128 13.54 -0.03 20.63
CA VAL B 128 12.41 -0.88 20.97
C VAL B 128 12.14 -0.76 22.46
N PHE B 129 10.89 -0.46 22.81
CA PHE B 129 10.44 -0.37 24.18
C PHE B 129 9.18 -1.19 24.35
N PRO B 130 9.05 -1.93 25.45
CA PRO B 130 7.87 -2.78 25.63
C PRO B 130 6.65 -2.00 26.08
N LEU B 131 5.49 -2.45 25.59
CA LEU B 131 4.19 -1.95 26.03
C LEU B 131 3.63 -2.96 27.01
N ALA B 132 3.81 -2.69 28.31
CA ALA B 132 3.50 -3.69 29.32
C ALA B 132 1.99 -3.80 29.50
N PRO B 133 1.46 -5.01 29.71
CA PRO B 133 0.02 -5.14 30.00
C PRO B 133 -0.36 -4.53 31.34
N SER B 134 -1.61 -4.11 31.44
CA SER B 134 -2.10 -3.42 32.62
C SER B 134 -2.42 -4.42 33.73
N SER B 135 -2.85 -3.90 34.87
CA SER B 135 -3.20 -4.72 36.02
C SER B 135 -4.52 -4.27 36.64
N GLY B 136 -11.78 -10.55 30.03
CA GLY B 136 -10.67 -11.43 30.35
C GLY B 136 -9.54 -11.36 29.35
N THR B 137 -9.47 -10.25 28.62
CA THR B 137 -8.48 -10.04 27.59
C THR B 137 -7.38 -9.09 28.09
N ALA B 138 -6.17 -9.30 27.60
CA ALA B 138 -5.03 -8.45 27.89
C ALA B 138 -4.30 -8.10 26.61
N ALA B 139 -3.63 -6.94 26.61
CA ALA B 139 -2.91 -6.45 25.45
C ALA B 139 -1.50 -6.07 25.84
N LEU B 140 -0.55 -6.43 24.98
CA LEU B 140 0.85 -6.06 25.15
C LEU B 140 1.47 -5.86 23.78
N GLY B 141 2.60 -5.19 23.74
CA GLY B 141 3.22 -4.93 22.46
C GLY B 141 4.62 -4.36 22.60
N CYS B 142 5.16 -3.94 21.46
CA CYS B 142 6.46 -3.28 21.38
C CYS B 142 6.32 -2.00 20.58
N LEU B 143 7.06 -0.97 21.00
CA LEU B 143 7.08 0.32 20.33
C LEU B 143 8.39 0.45 19.59
N VAL B 144 8.33 0.46 18.25
CA VAL B 144 9.49 0.61 17.39
C VAL B 144 9.56 2.08 17.02
N LYS B 145 10.48 2.81 17.65
CA LYS B 145 10.50 4.27 17.57
C LYS B 145 11.85 4.77 17.06
N ASP B 146 11.79 5.87 16.32
CA ASP B 146 12.99 6.57 15.84
C ASP B 146 13.88 5.63 15.02
N TYR B 147 13.53 5.47 13.74
CA TYR B 147 14.34 4.66 12.83
C TYR B 147 14.17 5.22 11.43
N PHE B 148 15.23 5.09 10.62
CA PHE B 148 15.19 5.56 9.25
C PHE B 148 16.20 4.77 8.42
N PRO B 149 15.88 4.42 7.17
CA PRO B 149 14.61 4.60 6.46
C PRO B 149 13.69 3.42 6.71
N GLU B 150 12.62 3.29 5.92
CA GLU B 150 11.75 2.12 6.03
C GLU B 150 12.33 0.97 5.22
N PRO B 151 11.83 -0.26 5.45
CA PRO B 151 10.81 -0.67 6.42
C PRO B 151 11.41 -1.40 7.62
N VAL B 152 10.56 -1.89 8.52
CA VAL B 152 10.96 -2.77 9.61
C VAL B 152 9.98 -3.94 9.66
N THR B 153 10.49 -5.14 9.91
CA THR B 153 9.66 -6.32 10.06
C THR B 153 9.53 -6.65 11.54
N VAL B 154 8.36 -7.14 11.93
CA VAL B 154 8.07 -7.47 13.32
C VAL B 154 7.31 -8.79 13.36
N SER B 155 7.82 -9.73 14.14
CA SER B 155 7.14 -10.98 14.46
C SER B 155 7.04 -11.12 15.97
N TRP B 156 6.37 -12.16 16.42
CA TRP B 156 6.22 -12.46 17.84
C TRP B 156 6.58 -13.92 18.08
N ASN B 157 7.53 -14.15 18.97
CA ASN B 157 8.02 -15.50 19.25
C ASN B 157 8.56 -16.16 17.99
N SER B 158 9.17 -15.35 17.13
CA SER B 158 9.81 -15.83 15.90
C SER B 158 8.80 -16.53 14.99
N GLY B 159 7.73 -15.80 14.66
CA GLY B 159 6.72 -16.27 13.75
C GLY B 159 5.73 -17.25 14.34
N ALA B 160 5.94 -17.72 15.57
CA ALA B 160 5.01 -18.67 16.18
C ALA B 160 3.69 -18.00 16.53
N LEU B 161 3.74 -16.95 17.33
CA LEU B 161 2.55 -16.20 17.72
C LEU B 161 2.18 -15.23 16.61
N THR B 162 1.09 -15.51 15.90
CA THR B 162 0.62 -14.66 14.83
C THR B 162 -0.87 -14.31 14.91
N SER B 163 -1.67 -15.13 15.59
CA SER B 163 -3.09 -14.82 15.76
C SER B 163 -3.26 -13.72 16.79
N GLY B 164 -4.13 -12.76 16.50
CA GLY B 164 -4.35 -11.63 17.37
C GLY B 164 -3.29 -10.55 17.29
N VAL B 165 -2.27 -10.74 16.44
CA VAL B 165 -1.22 -9.74 16.30
C VAL B 165 -1.67 -8.67 15.32
N HIS B 166 -1.41 -7.41 15.67
CA HIS B 166 -1.81 -6.27 14.85
C HIS B 166 -0.63 -5.30 14.79
N THR B 167 0.01 -5.23 13.63
CA THR B 167 1.14 -4.33 13.39
C THR B 167 0.64 -3.14 12.59
N PHE B 168 0.86 -1.93 13.12
CA PHE B 168 0.31 -0.74 12.48
C PHE B 168 1.30 -0.15 11.49
N PRO B 169 0.82 0.54 10.45
CA PRO B 169 1.74 1.18 9.51
C PRO B 169 2.59 2.24 10.20
N ALA B 170 3.79 2.44 9.68
CA ALA B 170 4.66 3.47 10.21
C ALA B 170 4.05 4.85 9.96
N VAL B 171 4.27 5.75 10.92
CA VAL B 171 3.88 7.15 10.79
C VAL B 171 5.15 7.98 10.84
N LEU B 172 5.20 9.01 10.01
CA LEU B 172 6.36 9.92 9.99
C LEU B 172 6.20 10.95 11.10
N GLN B 173 7.15 10.99 12.02
CA GLN B 173 7.15 12.01 13.06
C GLN B 173 7.79 13.29 12.53
N SER B 174 7.50 14.40 13.20
CA SER B 174 8.07 15.68 12.80
C SER B 174 9.59 15.66 12.81
N SER B 175 10.20 14.73 13.54
CA SER B 175 11.64 14.63 13.60
C SER B 175 12.26 14.04 12.33
N GLY B 176 11.43 13.55 11.40
CA GLY B 176 11.92 12.97 10.17
C GLY B 176 12.12 11.47 10.21
N LEU B 177 12.01 10.84 11.37
CA LEU B 177 12.13 9.40 11.51
C LEU B 177 10.75 8.76 11.61
N TYR B 178 10.71 7.46 11.33
CA TYR B 178 9.47 6.70 11.40
C TYR B 178 9.31 6.09 12.79
N SER B 179 8.08 5.71 13.11
CA SER B 179 7.77 5.07 14.38
C SER B 179 6.45 4.34 14.25
N LEU B 180 6.43 3.07 14.68
CA LEU B 180 5.22 2.27 14.68
C LEU B 180 5.19 1.40 15.92
N SER B 181 4.06 0.73 16.13
CA SER B 181 3.87 -0.16 17.26
C SER B 181 3.31 -1.48 16.76
N SER B 182 3.67 -2.56 17.46
CA SER B 182 3.09 -3.87 17.25
C SER B 182 2.48 -4.33 18.56
N VAL B 183 1.25 -4.84 18.50
CA VAL B 183 0.53 -5.27 19.70
C VAL B 183 -0.11 -6.62 19.42
N VAL B 184 -0.44 -7.31 20.51
CA VAL B 184 -1.06 -8.62 20.44
C VAL B 184 -1.99 -8.78 21.63
N THR B 185 -3.21 -9.22 21.38
CA THR B 185 -4.18 -9.47 22.43
C THR B 185 -4.05 -10.89 22.94
N VAL B 186 -4.07 -11.05 24.26
CA VAL B 186 -3.88 -12.36 24.88
C VAL B 186 -4.79 -12.47 26.09
N PRO B 187 -5.19 -13.69 26.43
CA PRO B 187 -5.92 -13.89 27.69
C PRO B 187 -5.11 -13.40 28.88
N SER B 188 -5.83 -12.90 29.89
CA SER B 188 -5.15 -12.36 31.06
C SER B 188 -4.37 -13.44 31.80
N SER B 189 -4.97 -14.62 31.98
CA SER B 189 -4.34 -15.66 32.78
C SER B 189 -3.05 -16.16 32.15
N SER B 190 -2.96 -16.13 30.81
CA SER B 190 -1.79 -16.67 30.11
C SER B 190 -0.57 -15.77 30.20
N LEU B 191 -0.67 -14.62 30.87
CA LEU B 191 0.47 -13.73 31.00
C LEU B 191 1.58 -14.30 31.89
N GLY B 192 1.33 -15.40 32.59
CA GLY B 192 2.32 -16.00 33.46
C GLY B 192 2.76 -17.36 32.99
N THR B 193 2.04 -17.94 32.04
CA THR B 193 2.35 -19.26 31.49
C THR B 193 2.93 -19.16 30.07
N GLN B 194 3.45 -17.99 29.69
CA GLN B 194 3.92 -17.77 28.34
C GLN B 194 4.75 -16.50 28.33
N THR B 195 5.90 -16.55 27.64
CA THR B 195 6.80 -15.43 27.52
C THR B 195 6.67 -14.82 26.13
N TYR B 196 6.42 -13.52 26.08
CA TYR B 196 6.17 -12.81 24.82
C TYR B 196 7.39 -11.99 24.45
N ILE B 197 8.00 -12.32 23.31
CA ILE B 197 9.17 -11.62 22.80
C ILE B 197 8.86 -11.12 21.40
N CYS B 198 9.17 -9.85 21.13
CA CYS B 198 8.98 -9.25 19.83
C CYS B 198 10.33 -9.14 19.11
N ASN B 199 10.37 -9.62 17.88
CA ASN B 199 11.60 -9.66 17.08
C ASN B 199 11.52 -8.59 16.02
N VAL B 200 12.23 -7.49 16.23
CA VAL B 200 12.24 -6.36 15.30
C VAL B 200 13.51 -6.41 14.47
N ASN B 201 13.37 -6.27 13.15
CA ASN B 201 14.47 -6.33 12.22
C ASN B 201 14.44 -5.10 11.31
N HIS B 202 15.61 -4.53 11.06
CA HIS B 202 15.76 -3.31 10.25
C HIS B 202 17.05 -3.44 9.44
N LYS B 203 16.92 -3.94 8.21
CA LYS B 203 18.08 -4.16 7.36
C LYS B 203 18.94 -2.92 7.16
N PRO B 204 18.40 -1.77 6.77
CA PRO B 204 19.26 -0.60 6.50
C PRO B 204 20.22 -0.29 7.64
N SER B 205 19.91 -0.75 8.84
CA SER B 205 20.77 -0.56 10.00
C SER B 205 21.43 -1.84 10.48
N ASN B 206 21.02 -3.00 9.98
CA ASN B 206 21.52 -4.29 10.46
C ASN B 206 21.25 -4.44 11.95
N THR B 207 19.97 -4.37 12.31
CA THR B 207 19.54 -4.43 13.70
C THR B 207 18.52 -5.54 13.85
N LYS B 208 18.80 -6.48 14.76
CA LYS B 208 17.90 -7.60 15.06
C LYS B 208 17.79 -7.72 16.58
N VAL B 209 16.83 -7.01 17.15
CA VAL B 209 16.62 -7.01 18.59
C VAL B 209 15.51 -8.00 18.95
N ASP B 210 15.61 -8.57 20.15
CA ASP B 210 14.62 -9.52 20.67
C ASP B 210 14.23 -9.04 22.06
N LYS B 211 13.22 -8.18 22.12
CA LYS B 211 12.78 -7.57 23.37
C LYS B 211 11.69 -8.41 24.00
N ARG B 212 11.93 -8.91 25.21
CA ARG B 212 10.90 -9.63 25.94
C ARG B 212 9.97 -8.63 26.63
N VAL B 213 8.69 -8.93 26.61
CA VAL B 213 7.66 -8.07 27.19
C VAL B 213 7.05 -8.82 28.36
N GLU B 214 7.35 -8.35 29.57
CA GLU B 214 6.80 -8.93 30.79
C GLU B 214 5.84 -7.95 31.45
N PRO B 215 4.85 -8.45 32.21
CA PRO B 215 3.90 -7.54 32.84
C PRO B 215 4.59 -6.60 33.83
N ALA B 216 4.17 -5.34 33.81
CA ALA B 216 4.78 -4.32 34.64
C ALA B 216 4.68 -4.68 36.13
N GLY C 1 1.43 1.02 -35.33
CA GLY C 1 1.74 -0.28 -35.88
C GLY C 1 1.16 -0.50 -37.27
N GLN C 2 1.62 -1.56 -37.93
CA GLN C 2 1.14 -1.90 -39.27
C GLN C 2 0.34 -3.20 -39.21
N CYS C 3 -0.84 -3.11 -38.57
CA CYS C 3 -1.74 -4.25 -38.45
C CYS C 3 -2.62 -4.36 -39.69
N SER C 4 -3.30 -5.50 -39.81
CA SER C 4 -4.24 -5.70 -40.90
C SER C 4 -5.54 -4.96 -40.62
N GLN C 5 -6.27 -4.67 -41.70
CA GLN C 5 -7.57 -4.00 -41.55
C GLN C 5 -8.53 -4.79 -40.67
N ASN C 6 -8.29 -6.09 -40.48
CA ASN C 6 -9.11 -6.92 -39.59
C ASN C 6 -8.65 -6.83 -38.14
N GLU C 7 -7.79 -5.86 -37.81
CA GLU C 7 -7.24 -5.73 -36.47
C GLU C 7 -7.10 -4.25 -36.13
N TYR C 8 -6.79 -3.98 -34.86
CA TYR C 8 -6.45 -2.65 -34.40
C TYR C 8 -5.32 -2.77 -33.40
N PHE C 9 -4.53 -1.70 -33.29
CA PHE C 9 -3.33 -1.71 -32.46
C PHE C 9 -3.66 -1.18 -31.07
N ASP C 10 -3.32 -1.97 -30.05
CA ASP C 10 -3.44 -1.57 -28.65
C ASP C 10 -2.05 -1.22 -28.14
N SER C 11 -1.86 0.05 -27.78
CA SER C 11 -0.54 0.53 -27.37
C SER C 11 -0.18 0.16 -25.94
N LEU C 12 -1.13 -0.37 -25.16
CA LEU C 12 -0.79 -0.90 -23.84
C LEU C 12 -0.07 -2.23 -23.96
N LEU C 13 -0.58 -3.12 -24.82
CA LEU C 13 0.05 -4.40 -25.09
C LEU C 13 1.00 -4.35 -26.28
N HIS C 14 1.01 -3.25 -27.02
CA HIS C 14 1.88 -3.08 -28.19
C HIS C 14 1.75 -4.28 -29.13
N ALA C 15 0.50 -4.54 -29.54
CA ALA C 15 0.21 -5.70 -30.38
C ALA C 15 -1.03 -5.41 -31.22
N CYS C 16 -1.26 -6.27 -32.20
CA CYS C 16 -2.44 -6.19 -33.05
C CYS C 16 -3.55 -7.03 -32.44
N ILE C 17 -4.68 -6.39 -32.14
CA ILE C 17 -5.83 -7.03 -31.51
C ILE C 17 -6.90 -7.22 -32.58
N PRO C 18 -7.40 -8.43 -32.80
CA PRO C 18 -8.47 -8.62 -33.80
C PRO C 18 -9.68 -7.74 -33.49
N CYS C 19 -10.19 -7.08 -34.52
CA CYS C 19 -11.37 -6.25 -34.35
C CYS C 19 -12.58 -7.05 -33.88
N GLN C 20 -12.56 -8.37 -34.06
CA GLN C 20 -13.73 -9.18 -33.70
C GLN C 20 -14.01 -9.14 -32.21
N LEU C 21 -12.96 -9.00 -31.39
CA LEU C 21 -13.15 -9.02 -29.94
C LEU C 21 -14.10 -7.92 -29.50
N ARG C 22 -13.94 -6.72 -30.05
CA ARG C 22 -14.74 -5.57 -29.65
C ARG C 22 -15.89 -5.25 -30.59
N CYS C 23 -16.12 -6.09 -31.61
CA CYS C 23 -17.23 -5.82 -32.53
C CYS C 23 -18.56 -5.82 -31.78
N SER C 24 -18.73 -6.74 -30.83
CA SER C 24 -19.96 -6.85 -30.06
C SER C 24 -19.99 -5.91 -28.86
N SER C 25 -19.13 -4.90 -28.83
CA SER C 25 -19.11 -3.93 -27.75
C SER C 25 -20.02 -2.75 -28.07
N ASN C 26 -20.35 -1.99 -27.02
CA ASN C 26 -21.19 -0.81 -27.19
C ASN C 26 -20.60 0.18 -28.19
N THR C 27 -19.28 0.15 -28.40
CA THR C 27 -18.64 1.05 -29.35
C THR C 27 -17.29 0.47 -29.75
N PRO C 28 -17.21 -0.34 -30.80
CA PRO C 28 -15.92 -0.88 -31.24
C PRO C 28 -14.96 0.25 -31.59
N PRO C 29 -13.67 -0.04 -31.71
CA PRO C 29 -12.71 1.03 -31.99
C PRO C 29 -13.05 1.77 -33.27
N LEU C 30 -12.72 3.07 -33.30
CA LEU C 30 -13.01 3.90 -34.47
C LEU C 30 -12.34 3.38 -35.73
N THR C 31 -11.38 2.47 -35.62
CA THR C 31 -10.73 1.84 -36.77
C THR C 31 -11.27 0.44 -37.04
N CYS C 32 -12.26 -0.02 -36.28
CA CYS C 32 -12.91 -1.31 -36.50
C CYS C 32 -14.36 -1.15 -36.94
N GLN C 33 -14.67 -0.04 -37.61
CA GLN C 33 -16.04 0.22 -38.08
C GLN C 33 -16.38 -0.53 -39.36
N ARG C 34 -15.50 -1.40 -39.85
CA ARG C 34 -15.74 -2.20 -41.04
C ARG C 34 -15.93 -3.68 -40.73
N TYR C 35 -14.99 -4.28 -39.99
CA TYR C 35 -15.05 -5.72 -39.73
C TYR C 35 -16.42 -6.13 -39.19
N CYS C 36 -17.09 -5.25 -38.46
CA CYS C 36 -18.37 -5.58 -37.86
C CYS C 36 -19.52 -5.24 -38.83
#